data_7EEZ
#
_entry.id   7EEZ
#
_cell.length_a   47.262
_cell.length_b   47.262
_cell.length_c   137.568
_cell.angle_alpha   90.000
_cell.angle_beta   90.000
_cell.angle_gamma   90.000
#
_symmetry.space_group_name_H-M   'P 41 21 2'
#
loop_
_entity.id
_entity.type
_entity.pdbx_description
1 polymer 'HB transcription factor'
2 non-polymer 'ZINC ION'
3 water water
#
_entity_poly.entity_id   1
_entity_poly.type   'polypeptide(L)'
_entity_poly.pdbx_seq_one_letter_code
;SGKNPVESVSVEFEAKSARDGAWYDVAAFLSHRLFESGDPEVRVRFSGFGAEEDEWINVRKCVRQRSLPCEATECVAVLP
GDLILCFQEGKDQALYYDAHVLDAQRRRHDVRGCRCRFLVRYDHDSSEEIVPLRKVCRRPETDYRLQILHAARAAATN
;
_entity_poly.pdbx_strand_id   A
#
# COMPACT_ATOMS: atom_id res chain seq x y z
N VAL A 11 -7.38 12.29 2.43
CA VAL A 11 -6.85 13.64 2.31
C VAL A 11 -5.41 13.62 1.80
N GLU A 12 -4.76 12.47 1.93
CA GLU A 12 -3.40 12.30 1.43
C GLU A 12 -3.31 11.10 0.50
N PHE A 13 -2.29 11.10 -0.34
CA PHE A 13 -2.23 10.17 -1.46
C PHE A 13 -0.90 9.45 -1.57
N GLU A 14 -0.93 8.29 -2.23
CA GLU A 14 0.29 7.56 -2.54
C GLU A 14 0.31 7.24 -4.02
N ALA A 15 1.52 7.10 -4.57
CA ALA A 15 1.68 6.77 -5.98
C ALA A 15 2.79 5.76 -6.18
N LYS A 16 2.70 4.97 -7.24
CA LYS A 16 3.71 3.96 -7.52
C LYS A 16 4.79 4.51 -8.44
N SER A 17 6.04 4.38 -8.01
CA SER A 17 7.18 4.84 -8.79
C SER A 17 7.62 3.80 -9.80
N ALA A 18 7.98 4.25 -11.00
CA ALA A 18 8.41 3.34 -12.05
C ALA A 18 9.76 2.72 -11.74
N ARG A 19 10.52 3.36 -10.86
CA ARG A 19 11.87 2.93 -10.58
C ARG A 19 11.93 1.56 -9.90
N ASP A 20 11.02 1.32 -8.97
CA ASP A 20 11.03 0.09 -8.20
C ASP A 20 9.67 -0.61 -8.12
N GLY A 21 8.63 0.06 -8.61
CA GLY A 21 7.28 -0.49 -8.57
C GLY A 21 6.69 -0.46 -7.18
N ALA A 22 7.28 0.36 -6.31
CA ALA A 22 6.80 0.49 -4.94
C ALA A 22 6.04 1.81 -4.76
N TRP A 23 5.36 1.94 -3.63
CA TRP A 23 4.46 3.08 -3.41
C TRP A 23 5.05 4.08 -2.44
N TYR A 24 4.86 5.37 -2.74
CA TYR A 24 5.42 6.45 -1.96
C TYR A 24 4.40 7.54 -1.69
N ASP A 25 4.60 8.30 -0.61
CA ASP A 25 3.75 9.43 -0.29
C ASP A 25 3.84 10.52 -1.35
N VAL A 26 2.70 11.07 -1.73
CA VAL A 26 2.66 12.16 -2.70
C VAL A 26 2.72 13.51 -2.01
N ALA A 27 3.68 14.34 -2.40
CA ALA A 27 3.79 15.69 -1.86
C ALA A 27 2.88 16.64 -2.64
N ALA A 28 2.83 16.46 -3.96
CA ALA A 28 2.03 17.35 -4.80
C ALA A 28 1.72 16.75 -6.17
N PHE A 29 0.56 17.11 -6.70
CA PHE A 29 0.21 16.87 -8.09
C PHE A 29 0.45 18.17 -8.86
N LEU A 30 1.33 18.13 -9.86
CA LEU A 30 1.78 19.37 -10.51
C LEU A 30 1.04 19.65 -11.82
N SER A 31 0.61 18.60 -12.50
CA SER A 31 0.04 18.74 -13.84
C SER A 31 -0.56 17.41 -14.27
N HIS A 32 -1.28 17.40 -15.39
CA HIS A 32 -1.80 16.14 -15.93
C HIS A 32 -1.92 16.18 -17.45
N ARG A 33 -2.01 15.00 -18.07
CA ARG A 33 -2.05 14.89 -19.52
C ARG A 33 -2.80 13.64 -19.97
N LEU A 34 -3.08 13.57 -21.27
CA LEU A 34 -3.68 12.38 -21.89
C LEU A 34 -5.07 12.03 -21.36
N PHE A 35 -5.79 13.01 -20.83
CA PHE A 35 -7.14 12.78 -20.36
C PHE A 35 -8.08 12.43 -21.52
N GLU A 36 -7.80 12.99 -22.69
CA GLU A 36 -8.62 12.75 -23.88
C GLU A 36 -8.59 11.29 -24.30
N SER A 37 -7.56 10.56 -23.87
CA SER A 37 -7.42 9.14 -24.19
C SER A 37 -8.29 8.30 -23.28
N GLY A 38 -8.72 8.88 -22.17
CA GLY A 38 -9.50 8.16 -21.19
C GLY A 38 -8.60 7.50 -20.16
N ASP A 39 -7.30 7.67 -20.35
CA ASP A 39 -6.32 7.11 -19.43
C ASP A 39 -5.25 8.13 -19.07
N PRO A 40 -5.62 9.13 -18.26
CA PRO A 40 -4.73 10.27 -17.97
C PRO A 40 -3.53 9.92 -17.09
N GLU A 41 -2.48 10.72 -17.21
CA GLU A 41 -1.31 10.62 -16.35
C GLU A 41 -1.16 11.91 -15.56
N VAL A 42 -0.63 11.81 -14.35
CA VAL A 42 -0.40 12.98 -13.50
C VAL A 42 1.08 13.12 -13.17
N ARG A 43 1.58 14.35 -13.21
CA ARG A 43 2.95 14.63 -12.83
C ARG A 43 3.06 14.71 -11.32
N VAL A 44 3.72 13.72 -10.74
CA VAL A 44 3.82 13.58 -9.30
C VAL A 44 5.19 13.98 -8.76
N ARG A 45 5.16 14.84 -7.74
CA ARG A 45 6.32 15.07 -6.89
C ARG A 45 6.16 14.28 -5.60
N PHE A 46 7.11 13.38 -5.36
CA PHE A 46 7.06 12.55 -4.16
C PHE A 46 7.56 13.30 -2.94
N SER A 47 7.07 12.91 -1.77
CA SER A 47 7.50 13.52 -0.52
C SER A 47 8.98 13.28 -0.26
N GLY A 48 9.72 14.36 -0.07
CA GLY A 48 11.12 14.30 0.30
C GLY A 48 12.09 14.06 -0.86
N PHE A 49 11.64 14.27 -2.09
CA PHE A 49 12.47 13.90 -3.25
C PHE A 49 12.76 15.03 -4.23
N GLY A 50 12.45 16.27 -3.87
CA GLY A 50 12.75 17.41 -4.71
C GLY A 50 12.01 17.40 -6.04
N ALA A 51 12.50 18.18 -6.99
CA ALA A 51 11.87 18.29 -8.31
C ALA A 51 12.47 17.33 -9.31
N GLU A 52 13.74 17.00 -9.09
CA GLU A 52 14.53 16.17 -9.99
C GLU A 52 13.96 14.78 -10.24
N GLU A 53 13.09 14.32 -9.34
CA GLU A 53 12.59 12.95 -9.42
C GLU A 53 11.07 12.88 -9.58
N ASP A 54 10.48 13.95 -10.10
CA ASP A 54 9.07 13.92 -10.45
C ASP A 54 8.83 12.89 -11.54
N GLU A 55 7.67 12.24 -11.52
CA GLU A 55 7.34 11.22 -12.49
C GLU A 55 5.97 11.42 -13.10
N TRP A 56 5.82 11.07 -14.38
CA TRP A 56 4.49 10.95 -14.95
C TRP A 56 3.92 9.58 -14.58
N ILE A 57 2.80 9.60 -13.88
CA ILE A 57 2.26 8.40 -13.27
C ILE A 57 0.81 8.18 -13.70
N ASN A 58 0.46 6.94 -14.03
CA ASN A 58 -0.91 6.63 -14.44
C ASN A 58 -1.92 6.90 -13.33
N VAL A 59 -2.90 7.75 -13.62
CA VAL A 59 -3.87 8.17 -12.62
C VAL A 59 -4.74 7.01 -12.13
N ARG A 60 -5.28 6.24 -13.07
CA ARG A 60 -6.22 5.16 -12.74
C ARG A 60 -5.56 4.01 -11.97
N LYS A 61 -4.36 3.62 -12.39
CA LYS A 61 -3.73 2.42 -11.83
C LYS A 61 -2.70 2.70 -10.73
N CYS A 62 -2.01 3.84 -10.81
CA CYS A 62 -0.85 4.01 -9.95
C CYS A 62 -0.89 5.23 -9.02
N VAL A 63 -2.07 5.81 -8.85
CA VAL A 63 -2.28 6.83 -7.83
C VAL A 63 -3.52 6.43 -7.04
N ARG A 64 -3.48 6.59 -5.72
CA ARG A 64 -4.64 6.27 -4.90
C ARG A 64 -4.56 6.95 -3.54
N GLN A 65 -5.66 6.92 -2.81
CA GLN A 65 -5.66 7.44 -1.44
C GLN A 65 -4.71 6.59 -0.61
N ARG A 66 -4.00 7.23 0.32
CA ARG A 66 -2.94 6.57 1.08
C ARG A 66 -3.43 5.36 1.87
N SER A 67 -2.63 4.29 1.82
CA SER A 67 -2.83 3.13 2.66
C SER A 67 -2.33 3.45 4.07
N LEU A 68 -3.17 3.24 5.07
CA LEU A 68 -2.80 3.60 6.43
C LEU A 68 -2.39 2.39 7.26
N PRO A 69 -1.39 2.57 8.14
CA PRO A 69 -0.99 1.57 9.13
C PRO A 69 -2.17 1.18 10.01
N CYS A 70 -2.14 -0.03 10.55
CA CYS A 70 -3.26 -0.53 11.33
C CYS A 70 -3.03 -0.43 12.82
N GLU A 71 -3.99 0.17 13.52
CA GLU A 71 -4.05 0.06 14.97
C GLU A 71 -4.43 -1.40 15.27
N ALA A 72 -4.10 -1.85 16.48
CA ALA A 72 -4.21 -3.27 16.83
C ALA A 72 -5.60 -3.86 16.55
N THR A 73 -6.64 -3.04 16.65
CA THR A 73 -8.00 -3.52 16.48
C THR A 73 -8.42 -3.67 15.02
N GLU A 74 -7.58 -3.19 14.10
CA GLU A 74 -7.94 -3.15 12.69
C GLU A 74 -7.70 -4.47 11.95
N CYS A 75 -7.07 -5.42 12.63
CA CYS A 75 -6.68 -6.69 12.00
C CYS A 75 -7.88 -7.48 11.46
N VAL A 76 -9.05 -7.27 12.05
CA VAL A 76 -10.25 -7.99 11.63
C VAL A 76 -10.74 -7.50 10.27
N ALA A 77 -10.23 -6.35 9.83
CA ALA A 77 -10.57 -5.79 8.53
C ALA A 77 -9.65 -6.32 7.44
N VAL A 78 -8.67 -7.14 7.84
CA VAL A 78 -7.76 -7.77 6.89
C VAL A 78 -8.21 -9.20 6.62
N LEU A 79 -8.69 -9.45 5.41
CA LEU A 79 -9.24 -10.75 5.07
C LEU A 79 -8.47 -11.38 3.92
N PRO A 80 -8.41 -12.72 3.89
CA PRO A 80 -7.82 -13.41 2.73
C PRO A 80 -8.47 -12.94 1.44
N GLY A 81 -7.65 -12.66 0.43
CA GLY A 81 -8.14 -12.15 -0.83
C GLY A 81 -7.91 -10.66 -1.01
N ASP A 82 -7.70 -9.96 0.11
CA ASP A 82 -7.53 -8.51 0.09
C ASP A 82 -6.26 -8.05 -0.59
N LEU A 83 -6.37 -6.97 -1.34
CA LEU A 83 -5.20 -6.19 -1.70
C LEU A 83 -4.79 -5.37 -0.48
N ILE A 84 -3.52 -5.43 -0.12
CA ILE A 84 -2.96 -4.59 0.93
C ILE A 84 -1.65 -3.98 0.44
N LEU A 85 -1.22 -2.91 1.11
CA LEU A 85 0.12 -2.39 0.91
C LEU A 85 0.98 -2.97 2.01
N CYS A 86 2.04 -3.69 1.65
CA CYS A 86 2.82 -4.44 2.62
C CYS A 86 4.28 -4.03 2.64
N PHE A 87 4.83 -3.91 3.84
CA PHE A 87 6.23 -3.52 4.04
C PHE A 87 7.15 -4.70 3.80
N GLN A 88 7.81 -4.71 2.65
CA GLN A 88 8.77 -5.74 2.31
C GLN A 88 10.18 -5.30 2.68
N GLU A 89 10.70 -5.92 3.73
CA GLU A 89 12.07 -5.74 4.14
C GLU A 89 12.91 -6.73 3.37
N GLY A 90 13.50 -6.25 2.31
CA GLY A 90 14.23 -7.07 1.40
C GLY A 90 15.64 -7.21 1.88
N LYS A 91 16.51 -7.73 1.04
CA LYS A 91 17.84 -8.07 1.47
C LYS A 91 18.53 -6.85 2.05
N ASP A 92 18.50 -5.72 1.36
CA ASP A 92 18.92 -4.50 2.01
C ASP A 92 18.17 -3.21 1.59
N GLN A 93 17.04 -3.37 0.90
CA GLN A 93 16.14 -2.28 0.65
C GLN A 93 14.79 -2.66 1.25
N ALA A 94 14.17 -1.72 1.91
CA ALA A 94 12.85 -1.89 2.49
C ALA A 94 11.81 -1.00 1.80
N LEU A 95 10.82 -1.63 1.17
CA LEU A 95 9.89 -0.89 0.32
C LEU A 95 8.45 -1.32 0.56
N TYR A 96 7.50 -0.43 0.24
CA TYR A 96 6.08 -0.78 0.33
C TYR A 96 5.53 -1.27 -1.00
N TYR A 97 5.09 -2.53 -1.03
CA TYR A 97 4.62 -3.16 -2.26
C TYR A 97 3.18 -3.64 -2.17
N ASP A 98 2.47 -3.60 -3.28
CA ASP A 98 1.16 -4.24 -3.35
C ASP A 98 1.31 -5.74 -3.06
N ALA A 99 0.42 -6.28 -2.24
CA ALA A 99 0.43 -7.70 -1.95
C ALA A 99 -1.00 -8.18 -1.71
N HIS A 100 -1.22 -9.47 -1.83
CA HIS A 100 -2.53 -10.03 -1.54
C HIS A 100 -2.45 -11.02 -0.39
N VAL A 101 -3.43 -10.94 0.51
CA VAL A 101 -3.50 -11.85 1.65
C VAL A 101 -3.98 -13.23 1.21
N LEU A 102 -3.13 -14.22 1.41
CA LEU A 102 -3.47 -15.61 1.11
C LEU A 102 -4.24 -16.25 2.27
N ASP A 103 -3.82 -15.93 3.49
CA ASP A 103 -4.36 -16.56 4.68
C ASP A 103 -4.12 -15.70 5.91
N ALA A 104 -4.96 -15.85 6.91
CA ALA A 104 -4.84 -15.06 8.14
C ALA A 104 -4.90 -15.94 9.37
N GLN A 105 -3.88 -15.85 10.20
CA GLN A 105 -3.88 -16.58 11.46
C GLN A 105 -4.31 -15.68 12.60
N ARG A 106 -5.58 -15.80 12.99
CA ARG A 106 -6.12 -15.02 14.09
C ARG A 106 -5.56 -15.50 15.42
N ARG A 107 -5.11 -14.56 16.25
CA ARG A 107 -4.64 -14.87 17.60
C ARG A 107 -5.11 -13.81 18.60
N ARG A 108 -5.53 -14.26 19.79
CA ARG A 108 -5.90 -13.37 20.89
C ARG A 108 -4.77 -12.40 21.13
N HIS A 109 -5.11 -11.12 21.22
CA HIS A 109 -4.14 -10.07 21.42
C HIS A 109 -3.65 -10.12 22.86
N ASP A 110 -2.52 -9.47 23.10
CA ASP A 110 -2.05 -9.13 24.44
C ASP A 110 -2.12 -7.61 24.61
N VAL A 111 -1.49 -7.09 25.65
CA VAL A 111 -1.45 -5.65 25.82
C VAL A 111 -0.40 -5.09 24.85
N ARG A 112 0.45 -5.96 24.33
CA ARG A 112 1.40 -5.59 23.28
C ARG A 112 0.66 -5.24 21.99
N GLY A 113 -0.59 -5.68 21.88
CA GLY A 113 -1.40 -5.38 20.71
C GLY A 113 -1.78 -6.62 19.93
N CYS A 114 -1.88 -6.48 18.61
CA CYS A 114 -2.30 -7.58 17.74
C CYS A 114 -1.25 -8.69 17.64
N ARG A 115 -1.71 -9.94 17.75
CA ARG A 115 -0.82 -11.09 17.64
C ARG A 115 -1.03 -11.85 16.34
N CYS A 116 -1.93 -11.34 15.50
CA CYS A 116 -2.26 -12.03 14.26
C CYS A 116 -1.09 -12.02 13.28
N ARG A 117 -1.00 -13.07 12.48
CA ARG A 117 -0.01 -13.13 11.41
C ARG A 117 -0.72 -13.37 10.09
N PHE A 118 -0.12 -12.88 9.01
CA PHE A 118 -0.74 -12.95 7.69
C PHE A 118 0.22 -13.51 6.66
N LEU A 119 -0.18 -14.59 6.01
CA LEU A 119 0.55 -15.07 4.84
C LEU A 119 0.18 -14.19 3.66
N VAL A 120 1.17 -13.51 3.10
CA VAL A 120 0.91 -12.61 1.98
C VAL A 120 1.75 -13.00 0.77
N ARG A 121 1.27 -12.60 -0.40
CA ARG A 121 1.99 -12.81 -1.64
C ARG A 121 2.15 -11.47 -2.37
N TYR A 122 3.39 -11.07 -2.58
CA TYR A 122 3.66 -9.80 -3.27
C TYR A 122 3.28 -9.90 -4.74
N ASP A 123 2.57 -8.90 -5.23
CA ASP A 123 2.02 -8.91 -6.57
C ASP A 123 3.07 -8.90 -7.68
N HIS A 124 4.21 -8.25 -7.41
CA HIS A 124 5.18 -8.01 -8.48
C HIS A 124 6.06 -9.21 -8.78
N ASP A 125 6.38 -10.01 -7.76
CA ASP A 125 7.25 -11.16 -7.98
C ASP A 125 6.68 -12.48 -7.44
N SER A 126 5.44 -12.41 -6.95
CA SER A 126 4.73 -13.59 -6.43
C SER A 126 5.45 -14.27 -5.27
N SER A 127 6.40 -13.58 -4.66
CA SER A 127 7.07 -14.10 -3.46
C SER A 127 6.11 -14.04 -2.28
N GLU A 128 6.33 -14.90 -1.30
CA GLU A 128 5.42 -15.00 -0.17
C GLU A 128 6.11 -14.76 1.17
N GLU A 129 5.37 -14.24 2.13
CA GLU A 129 5.94 -13.90 3.43
C GLU A 129 4.88 -13.87 4.52
N ILE A 130 5.20 -14.39 5.70
CA ILE A 130 4.31 -14.26 6.85
C ILE A 130 4.68 -13.00 7.62
N VAL A 131 3.76 -12.05 7.67
CA VAL A 131 4.02 -10.75 8.27
C VAL A 131 3.07 -10.44 9.43
N PRO A 132 3.54 -9.63 10.40
CA PRO A 132 2.63 -9.20 11.46
C PRO A 132 1.86 -7.96 11.00
N LEU A 133 0.89 -7.52 11.81
CA LEU A 133 0.05 -6.39 11.45
C LEU A 133 0.86 -5.13 11.17
N ARG A 134 2.01 -5.02 11.83
CA ARG A 134 2.88 -3.85 11.69
C ARG A 134 3.30 -3.60 10.25
N LYS A 135 3.39 -4.67 9.45
CA LYS A 135 3.82 -4.52 8.06
C LYS A 135 2.65 -4.32 7.10
N VAL A 136 1.43 -4.32 7.63
CA VAL A 136 0.24 -4.23 6.80
C VAL A 136 -0.41 -2.84 6.83
N CYS A 137 -0.64 -2.28 5.65
CA CYS A 137 -1.39 -1.04 5.50
C CYS A 137 -2.61 -1.32 4.64
N ARG A 138 -3.78 -1.07 5.20
CA ARG A 138 -5.05 -1.37 4.54
C ARG A 138 -5.45 -0.33 3.50
N ARG A 139 -6.17 -0.77 2.48
CA ARG A 139 -6.86 0.14 1.59
C ARG A 139 -8.08 0.68 2.33
N PRO A 140 -8.31 2.00 2.27
CA PRO A 140 -9.46 2.62 2.94
C PRO A 140 -10.79 1.97 2.55
N GLU A 141 -10.83 1.36 1.37
CA GLU A 141 -11.96 0.54 0.92
C GLU A 141 -12.48 -0.45 1.92
N THR A 142 -11.61 -0.89 2.82
CA THR A 142 -11.94 -1.97 3.74
C THR A 142 -12.38 -1.45 5.10
N ASP A 143 -12.38 -0.13 5.25
CA ASP A 143 -12.78 0.49 6.52
C ASP A 143 -14.18 0.02 6.97
N TYR A 144 -15.06 -0.24 6.02
CA TYR A 144 -16.43 -0.65 6.35
C TYR A 144 -16.45 -1.94 7.17
N ARG A 145 -15.45 -2.79 6.98
CA ARG A 145 -15.38 -4.05 7.73
C ARG A 145 -15.35 -3.79 9.23
N LEU A 146 -14.78 -2.65 9.62
CA LEU A 146 -14.66 -2.31 11.03
C LEU A 146 -16.03 -2.06 11.66
N GLN A 147 -17.01 -1.71 10.83
CA GLN A 147 -18.36 -1.47 11.33
C GLN A 147 -19.10 -2.77 11.56
N ILE A 148 -18.63 -3.83 10.91
CA ILE A 148 -19.30 -5.13 10.97
C ILE A 148 -18.63 -6.05 12.00
#